data_2AF1
# 
_entry.id   2AF1 
# 
_audit_conform.dict_name       mmcif_pdbx.dic 
_audit_conform.dict_version    5.376 
_audit_conform.dict_location   http://mmcif.pdb.org/dictionaries/ascii/mmcif_pdbx.dic 
# 
loop_
_database_2.database_id 
_database_2.database_code 
_database_2.pdbx_database_accession 
_database_2.pdbx_DOI 
PDB   2AF1         pdb_00002af1 10.2210/pdb2af1/pdb 
NDB   BD0089       ?            ?                   
RCSB  RCSB033816   ?            ?                   
WWPDB D_1000033816 ?            ?                   
# 
_pdbx_database_status.status_code                     REL 
_pdbx_database_status.entry_id                        2AF1 
_pdbx_database_status.recvd_initial_deposition_date   2005-07-25 
_pdbx_database_status.deposit_site                    RCSB 
_pdbx_database_status.process_site                    RCSB 
_pdbx_database_status.status_code_sf                  REL 
_pdbx_database_status.status_code_mr                  ? 
_pdbx_database_status.SG_entry                        ? 
_pdbx_database_status.pdb_format_compatible           Y 
_pdbx_database_status.status_code_cs                  ? 
_pdbx_database_status.status_code_nmr_data            ? 
_pdbx_database_status.methods_development_category    ? 
# 
loop_
_audit_author.name 
_audit_author.pdbx_ordinal 
'De Luchi, D.'   1 
'Tereshko, V.'   2 
'Gouyette, C.'   3 
'Subirana, J.A.' 4 
# 
_citation.id                        primary 
_citation.title                     'Structure of the DNA Coiled Coil Formed by d(CGATATATATAT)' 
_citation.journal_abbrev            Chembiochem 
_citation.journal_volume            7 
_citation.page_first                585 
_citation.page_last                 587 
_citation.year                      2006 
_citation.journal_id_ASTM           ? 
_citation.country                   GE 
_citation.journal_id_ISSN           1439-4227 
_citation.journal_id_CSD            ? 
_citation.book_publisher            ? 
_citation.pdbx_database_id_PubMed   16485316 
_citation.pdbx_database_id_DOI      10.1002/cbic.200500449 
# 
loop_
_citation_author.citation_id 
_citation_author.name 
_citation_author.ordinal 
_citation_author.identifier_ORCID 
primary 'De Luchi, D.'   1 ? 
primary 'Tereshko, V.'   2 ? 
primary 'Gouyette, C.'   3 ? 
primary 'Subirana, J.A.' 4 ? 
# 
_cell.entry_id           2AF1 
_cell.length_a           26.541 
_cell.length_b           26.541 
_cell.length_c           220.527 
_cell.angle_alpha        90.00 
_cell.angle_beta         90.00 
_cell.angle_gamma        120.00 
_cell.Z_PDB              12 
_cell.pdbx_unique_axis   ? 
# 
_symmetry.entry_id                         2AF1 
_symmetry.space_group_name_H-M             'P 61 2 2' 
_symmetry.pdbx_full_space_group_name_H-M   ? 
_symmetry.cell_setting                     ? 
_symmetry.Int_Tables_number                178 
_symmetry.space_group_name_Hall            ? 
# 
_entity.id                         1 
_entity.type                       polymer 
_entity.src_method                 syn 
_entity.pdbx_description           "5'-D(*CP*GP*AP*TP*AP*TP*AP*TP*AP*TP*AP*T)-3'" 
_entity.formula_weight             3660.428 
_entity.pdbx_number_of_molecules   1 
_entity.pdbx_ec                    ? 
_entity.pdbx_mutation              ? 
_entity.pdbx_fragment              ? 
_entity.details                    ? 
# 
_entity_poly.entity_id                      1 
_entity_poly.type                           polydeoxyribonucleotide 
_entity_poly.nstd_linkage                   no 
_entity_poly.nstd_monomer                   no 
_entity_poly.pdbx_seq_one_letter_code       '(DC)(DG)(DA)(DT)(DA)(DT)(DA)(DT)(DA)(DT)(DA)(DT)' 
_entity_poly.pdbx_seq_one_letter_code_can   CGATATATATAT 
_entity_poly.pdbx_strand_id                 A 
_entity_poly.pdbx_target_identifier         ? 
# 
loop_
_entity_poly_seq.entity_id 
_entity_poly_seq.num 
_entity_poly_seq.mon_id 
_entity_poly_seq.hetero 
1 1  DC n 
1 2  DG n 
1 3  DA n 
1 4  DT n 
1 5  DA n 
1 6  DT n 
1 7  DA n 
1 8  DT n 
1 9  DA n 
1 10 DT n 
1 11 DA n 
1 12 DT n 
# 
_struct_ref.id                         1 
_struct_ref.entity_id                  1 
_struct_ref.db_name                    PDB 
_struct_ref.db_code                    2AF1 
_struct_ref.pdbx_db_accession          2AF1 
_struct_ref.pdbx_db_isoform            ? 
_struct_ref.pdbx_seq_one_letter_code   ? 
_struct_ref.pdbx_align_begin           ? 
# 
_struct_ref_seq.align_id                      1 
_struct_ref_seq.ref_id                        1 
_struct_ref_seq.pdbx_PDB_id_code              2AF1 
_struct_ref_seq.pdbx_strand_id                A 
_struct_ref_seq.seq_align_beg                 1 
_struct_ref_seq.pdbx_seq_align_beg_ins_code   ? 
_struct_ref_seq.seq_align_end                 12 
_struct_ref_seq.pdbx_seq_align_end_ins_code   ? 
_struct_ref_seq.pdbx_db_accession             2AF1 
_struct_ref_seq.db_align_beg                  1 
_struct_ref_seq.pdbx_db_align_beg_ins_code    ? 
_struct_ref_seq.db_align_end                  12 
_struct_ref_seq.pdbx_db_align_end_ins_code    ? 
_struct_ref_seq.pdbx_auth_seq_align_beg       1 
_struct_ref_seq.pdbx_auth_seq_align_end       12 
# 
loop_
_chem_comp.id 
_chem_comp.type 
_chem_comp.mon_nstd_flag 
_chem_comp.name 
_chem_comp.pdbx_synonyms 
_chem_comp.formula 
_chem_comp.formula_weight 
DA 'DNA linking' y "2'-DEOXYADENOSINE-5'-MONOPHOSPHATE" ? 'C10 H14 N5 O6 P' 331.222 
DC 'DNA linking' y "2'-DEOXYCYTIDINE-5'-MONOPHOSPHATE"  ? 'C9 H14 N3 O7 P'  307.197 
DG 'DNA linking' y "2'-DEOXYGUANOSINE-5'-MONOPHOSPHATE" ? 'C10 H14 N5 O7 P' 347.221 
DT 'DNA linking' y "THYMIDINE-5'-MONOPHOSPHATE"         ? 'C10 H15 N2 O8 P' 322.208 
# 
_exptl.entry_id          2AF1 
_exptl.method            'X-RAY DIFFRACTION' 
_exptl.crystals_number   1 
# 
_exptl_crystal.id                    1 
_exptl_crystal.density_meas          ? 
_exptl_crystal.density_Matthews      3.30 
_exptl_crystal.density_percent_sol   75 
_exptl_crystal.description           ? 
_exptl_crystal.F_000                 ? 
_exptl_crystal.preparation           ? 
# 
_exptl_crystal_grow.crystal_id      1 
_exptl_crystal_grow.method          'VAPOR DIFFUSION, HANGING DROP' 
_exptl_crystal_grow.temp            277 
_exptl_crystal_grow.temp_details    ? 
_exptl_crystal_grow.pH              6.5 
_exptl_crystal_grow.pdbx_details    
;cacodylate,MPD, sodium phosphate, potassium chloride, Trimethylamine-N-oxide, spermine , pH 6.5, VAPOR DIFFUSION, HANGING DROP, temperature 277K
;
_exptl_crystal_grow.pdbx_pH_range   . 
# 
loop_
_exptl_crystal_grow_comp.crystal_id 
_exptl_crystal_grow_comp.id 
_exptl_crystal_grow_comp.sol_id 
_exptl_crystal_grow_comp.name 
_exptl_crystal_grow_comp.volume 
_exptl_crystal_grow_comp.conc 
_exptl_crystal_grow_comp.details 
1 1  1 cacodylate             ? ? ? 
1 2  1 MPD                    ? ? ? 
1 3  1 'sodium phosphate'     ? ? ? 
1 4  1 'potassium chloride'   ? ? ? 
1 5  1 Trimethylamine-N-oxide ? ? ? 
1 6  1 spermine               ? ? ? 
1 7  1 H2O                    ? ? ? 
1 8  2 cacodylate             ? ? ? 
1 9  2 MPD                    ? ? ? 
1 10 2 'sodium phosphate'     ? ? ? 
1 11 2 'potassium chloride'   ? ? ? 
1 12 2 H2O                    ? ? ? 
# 
_diffrn.id                     1 
_diffrn.ambient_temp           110 
_diffrn.ambient_temp_details   ? 
_diffrn.crystal_id             1 
# 
_diffrn_detector.diffrn_id              1 
_diffrn_detector.detector               CCD 
_diffrn_detector.type                   MARRESEARCH 
_diffrn_detector.pdbx_collection_date   2004-11-24 
_diffrn_detector.details                ? 
# 
_diffrn_radiation.diffrn_id                        1 
_diffrn_radiation.wavelength_id                    1 
_diffrn_radiation.pdbx_monochromatic_or_laue_m_l   M 
_diffrn_radiation.monochromator                    ? 
_diffrn_radiation.pdbx_diffrn_protocol             'SINGLE WAVELENGTH' 
_diffrn_radiation.pdbx_scattering_type             x-ray 
# 
_diffrn_radiation_wavelength.id           1 
_diffrn_radiation_wavelength.wavelength   0.972 
_diffrn_radiation_wavelength.wt           1.0 
# 
_diffrn_source.diffrn_id                   1 
_diffrn_source.source                      SYNCHROTRON 
_diffrn_source.type                        'ESRF BEAMLINE BM16' 
_diffrn_source.pdbx_synchrotron_site       ESRF 
_diffrn_source.pdbx_synchrotron_beamline   BM16 
_diffrn_source.pdbx_wavelength             ? 
_diffrn_source.pdbx_wavelength_list        0.972 
# 
_reflns.entry_id                     2AF1 
_reflns.observed_criterion_sigma_F   1 
_reflns.observed_criterion_sigma_I   1 
_reflns.d_resolution_high            3.10 
_reflns.d_resolution_low             23.0 
_reflns.number_all                   1101 
_reflns.number_obs                   1099 
_reflns.percent_possible_obs         99.2 
_reflns.pdbx_Rmerge_I_obs            ? 
_reflns.pdbx_Rsym_value              ? 
_reflns.pdbx_netI_over_sigmaI        ? 
_reflns.B_iso_Wilson_estimate        ? 
_reflns.pdbx_redundancy              ? 
_reflns.R_free_details               ? 
_reflns.pdbx_chi_squared             ? 
_reflns.pdbx_scaling_rejects         ? 
_reflns.pdbx_diffrn_id               1 
_reflns.pdbx_ordinal                 1 
# 
_reflns_shell.d_res_high             3.10 
_reflns_shell.d_res_low              ? 
_reflns_shell.percent_possible_all   93 
_reflns_shell.Rmerge_I_obs           ? 
_reflns_shell.pdbx_Rsym_value        ? 
_reflns_shell.meanI_over_sigI_obs    ? 
_reflns_shell.pdbx_redundancy        ? 
_reflns_shell.percent_possible_obs   ? 
_reflns_shell.number_unique_all      ? 
_reflns_shell.number_measured_all    ? 
_reflns_shell.number_measured_obs    ? 
_reflns_shell.number_unique_obs      ? 
_reflns_shell.pdbx_chi_squared       ? 
_reflns_shell.pdbx_diffrn_id         ? 
_reflns_shell.pdbx_ordinal           1 
# 
_refine.entry_id                                 2AF1 
_refine.ls_number_reflns_obs                     983 
_refine.ls_number_reflns_all                     985 
_refine.pdbx_ls_sigma_I                          ? 
_refine.pdbx_ls_sigma_F                          2 
_refine.pdbx_data_cutoff_high_absF               ? 
_refine.pdbx_data_cutoff_low_absF                ? 
_refine.pdbx_data_cutoff_high_rms_absF           ? 
_refine.ls_d_res_low                             23.00 
_refine.ls_d_res_high                            3.10 
_refine.ls_percent_reflns_obs                    99.82 
_refine.ls_R_factor_obs                          0.33318 
_refine.ls_R_factor_all                          ? 
_refine.ls_R_factor_R_work                       0.3316 
_refine.ls_R_factor_R_free                       0.34585 
_refine.ls_R_factor_R_free_error                 ? 
_refine.ls_R_factor_R_free_error_details         ? 
_refine.ls_percent_reflns_R_free                 10.5 
_refine.ls_number_reflns_R_free                  115 
_refine.ls_number_parameters                     ? 
_refine.ls_number_restraints                     ? 
_refine.occupancy_min                            ? 
_refine.occupancy_max                            ? 
_refine.correlation_coeff_Fo_to_Fc               0.935 
_refine.correlation_coeff_Fo_to_Fc_free          0.946 
_refine.B_iso_mean                               50.000 
_refine.aniso_B[1][1]                            -0.32 
_refine.aniso_B[2][2]                            -0.32 
_refine.aniso_B[3][3]                            0.48 
_refine.aniso_B[1][2]                            -0.16 
_refine.aniso_B[1][3]                            0.00 
_refine.aniso_B[2][3]                            0.00 
_refine.solvent_model_details                    MASK 
_refine.solvent_model_param_ksol                 ? 
_refine.solvent_model_param_bsol                 ? 
_refine.pdbx_solvent_vdw_probe_radii             1.20 
_refine.pdbx_solvent_ion_probe_radii             0.80 
_refine.pdbx_solvent_shrinkage_radii             0.80 
_refine.pdbx_ls_cross_valid_method               THROUGHOUT 
_refine.details                                  ? 
_refine.pdbx_starting_model                      'pdb entry 1GQU' 
_refine.pdbx_method_to_determine_struct          'MOLECULAR REPLACEMENT' 
_refine.pdbx_isotropic_thermal_model             ? 
_refine.pdbx_stereochemistry_target_values       'MAXIMUM LIKELIHOOD' 
_refine.pdbx_stereochem_target_val_spec_case     ? 
_refine.pdbx_R_Free_selection_details            RANDOM 
_refine.pdbx_overall_ESU_R                       5.020 
_refine.pdbx_overall_ESU_R_Free                  0.554 
_refine.overall_SU_ML                            0.750 
_refine.overall_SU_B                             45.734 
_refine.ls_redundancy_reflns_obs                 ? 
_refine.overall_SU_R_Cruickshank_DPI             ? 
_refine.overall_SU_R_free                        ? 
_refine.ls_wR_factor_R_free                      ? 
_refine.ls_wR_factor_R_work                      ? 
_refine.overall_FOM_free_R_set                   ? 
_refine.overall_FOM_work_R_set                   ? 
_refine.pdbx_refine_id                           'X-RAY DIFFRACTION' 
_refine.pdbx_TLS_residual_ADP_flag               UNVERIFIED 
_refine.pdbx_diffrn_id                           1 
_refine.pdbx_overall_phase_error                 ? 
_refine.pdbx_overall_SU_R_free_Cruickshank_DPI   ? 
_refine.pdbx_overall_SU_R_Blow_DPI               ? 
_refine.pdbx_overall_SU_R_free_Blow_DPI          ? 
# 
_refine_hist.pdbx_refine_id                   'X-RAY DIFFRACTION' 
_refine_hist.cycle_id                         LAST 
_refine_hist.pdbx_number_atoms_protein        0 
_refine_hist.pdbx_number_atoms_nucleic_acid   243 
_refine_hist.pdbx_number_atoms_ligand         0 
_refine_hist.number_atoms_solvent             0 
_refine_hist.number_atoms_total               243 
_refine_hist.d_res_high                       3.10 
_refine_hist.d_res_low                        23.00 
# 
loop_
_refine_ls_restr.type 
_refine_ls_restr.dev_ideal 
_refine_ls_restr.dev_ideal_target 
_refine_ls_restr.weight 
_refine_ls_restr.number 
_refine_ls_restr.pdbx_refine_id 
_refine_ls_restr.pdbx_restraint_function 
r_bond_refined_d         0.008 0.021 ? 272 'X-RAY DIFFRACTION' ? 
r_angle_refined_deg      1.980 3.000 ? 418 'X-RAY DIFFRACTION' ? 
r_chiral_restr           0.087 0.200 ? 47  'X-RAY DIFFRACTION' ? 
r_gen_planes_refined     0.005 0.020 ? 126 'X-RAY DIFFRACTION' ? 
r_nbd_refined            0.248 0.200 ? 119 'X-RAY DIFFRACTION' ? 
r_nbtor_refined          0.314 0.200 ? 152 'X-RAY DIFFRACTION' ? 
r_xyhbond_nbd_refined    0.298 0.200 ? 1   'X-RAY DIFFRACTION' ? 
r_symmetry_vdw_refined   0.236 0.200 ? 27  'X-RAY DIFFRACTION' ? 
r_symmetry_hbond_refined 0.137 0.200 ? 9   'X-RAY DIFFRACTION' ? 
r_scbond_it              0.000 3.000 ? 389 'X-RAY DIFFRACTION' ? 
r_scangle_it             0.000 4.500 ? 418 'X-RAY DIFFRACTION' ? 
# 
_refine_ls_shell.pdbx_total_number_of_bins_used   20 
_refine_ls_shell.d_res_high                       3.10 
_refine_ls_shell.d_res_low                        3.181 
_refine_ls_shell.number_reflns_R_work             62 
_refine_ls_shell.R_factor_R_work                  0.541 
_refine_ls_shell.percent_reflns_obs               100.00 
_refine_ls_shell.R_factor_R_free                  0.612 
_refine_ls_shell.R_factor_R_free_error            ? 
_refine_ls_shell.percent_reflns_R_free            ? 
_refine_ls_shell.number_reflns_R_free             9 
_refine_ls_shell.redundancy_reflns_obs            ? 
_refine_ls_shell.pdbx_refine_id                   'X-RAY DIFFRACTION' 
_refine_ls_shell.number_reflns_all                ? 
_refine_ls_shell.R_factor_all                     ? 
# 
_struct.entry_id                  2AF1 
_struct.title                     'Structure of the DNA coiled-coil formed by d(CGATATATATAT)' 
_struct.pdbx_model_details        ? 
_struct.pdbx_CASP_flag            ? 
_struct.pdbx_model_type_details   ? 
# 
_struct_keywords.entry_id        2AF1 
_struct_keywords.pdbx_keywords   DNA 
_struct_keywords.text            'HOOGSTEEN H-BONDS, COILED-COIL, DNA' 
# 
_struct_asym.id                            A 
_struct_asym.pdbx_blank_PDB_chainid_flag   N 
_struct_asym.pdbx_modified                 N 
_struct_asym.entity_id                     1 
_struct_asym.details                       ? 
# 
_struct_biol.id                    1 
_struct_biol.pdbx_parent_biol_id   ? 
_struct_biol.details               ? 
# 
loop_
_struct_conn.id 
_struct_conn.conn_type_id 
_struct_conn.pdbx_leaving_atom_flag 
_struct_conn.pdbx_PDB_id 
_struct_conn.ptnr1_label_asym_id 
_struct_conn.ptnr1_label_comp_id 
_struct_conn.ptnr1_label_seq_id 
_struct_conn.ptnr1_label_atom_id 
_struct_conn.pdbx_ptnr1_label_alt_id 
_struct_conn.pdbx_ptnr1_PDB_ins_code 
_struct_conn.pdbx_ptnr1_standard_comp_id 
_struct_conn.ptnr1_symmetry 
_struct_conn.ptnr2_label_asym_id 
_struct_conn.ptnr2_label_comp_id 
_struct_conn.ptnr2_label_seq_id 
_struct_conn.ptnr2_label_atom_id 
_struct_conn.pdbx_ptnr2_label_alt_id 
_struct_conn.pdbx_ptnr2_PDB_ins_code 
_struct_conn.ptnr1_auth_asym_id 
_struct_conn.ptnr1_auth_comp_id 
_struct_conn.ptnr1_auth_seq_id 
_struct_conn.ptnr2_auth_asym_id 
_struct_conn.ptnr2_auth_comp_id 
_struct_conn.ptnr2_auth_seq_id 
_struct_conn.ptnr2_symmetry 
_struct_conn.pdbx_ptnr3_label_atom_id 
_struct_conn.pdbx_ptnr3_label_seq_id 
_struct_conn.pdbx_ptnr3_label_comp_id 
_struct_conn.pdbx_ptnr3_label_asym_id 
_struct_conn.pdbx_ptnr3_label_alt_id 
_struct_conn.pdbx_ptnr3_PDB_ins_code 
_struct_conn.details 
_struct_conn.pdbx_dist_value 
_struct_conn.pdbx_value_order 
_struct_conn.pdbx_role 
hydrog1  hydrog ? ? A DA 3  N6 ? ? ? 1_555 A DT 12 O4 ? ? A DA 3  A DT 12 12_555 ? ? ? ? ? ? HOOGSTEEN ? ? ? 
hydrog2  hydrog ? ? A DA 3  N7 ? ? ? 1_555 A DT 12 N3 ? ? A DA 3  A DT 12 12_555 ? ? ? ? ? ? HOOGSTEEN ? ? ? 
hydrog3  hydrog ? ? A DT 4  N3 ? ? ? 1_555 A DA 11 N7 ? ? A DT 4  A DA 11 12_555 ? ? ? ? ? ? HOOGSTEEN ? ? ? 
hydrog4  hydrog ? ? A DT 4  O4 ? ? ? 1_555 A DA 11 N6 ? ? A DT 4  A DA 11 12_555 ? ? ? ? ? ? HOOGSTEEN ? ? ? 
hydrog5  hydrog ? ? A DA 5  N6 ? ? ? 1_555 A DT 10 O4 ? ? A DA 5  A DT 10 12_555 ? ? ? ? ? ? HOOGSTEEN ? ? ? 
hydrog6  hydrog ? ? A DA 5  N7 ? ? ? 1_555 A DT 10 N3 ? ? A DA 5  A DT 10 12_555 ? ? ? ? ? ? HOOGSTEEN ? ? ? 
hydrog7  hydrog ? ? A DT 6  N3 ? ? ? 1_555 A DA 9  N7 ? ? A DT 6  A DA 9  12_555 ? ? ? ? ? ? HOOGSTEEN ? ? ? 
hydrog8  hydrog ? ? A DT 6  O4 ? ? ? 1_555 A DA 9  N6 ? ? A DT 6  A DA 9  12_555 ? ? ? ? ? ? HOOGSTEEN ? ? ? 
hydrog9  hydrog ? ? A DA 7  N6 ? ? ? 1_555 A DT 8  O4 ? ? A DA 7  A DT 8  12_555 ? ? ? ? ? ? HOOGSTEEN ? ? ? 
hydrog10 hydrog ? ? A DA 7  N7 ? ? ? 1_555 A DT 8  N3 ? ? A DA 7  A DT 8  12_555 ? ? ? ? ? ? HOOGSTEEN ? ? ? 
hydrog11 hydrog ? ? A DT 8  N3 ? ? ? 1_555 A DA 7  N7 ? ? A DT 8  A DA 7  12_555 ? ? ? ? ? ? HOOGSTEEN ? ? ? 
hydrog12 hydrog ? ? A DT 8  O4 ? ? ? 1_555 A DA 7  N6 ? ? A DT 8  A DA 7  12_555 ? ? ? ? ? ? HOOGSTEEN ? ? ? 
hydrog13 hydrog ? ? A DA 9  N6 ? ? ? 1_555 A DT 6  O4 ? ? A DA 9  A DT 6  12_555 ? ? ? ? ? ? HOOGSTEEN ? ? ? 
hydrog14 hydrog ? ? A DA 9  N7 ? ? ? 1_555 A DT 6  N3 ? ? A DA 9  A DT 6  12_555 ? ? ? ? ? ? HOOGSTEEN ? ? ? 
hydrog15 hydrog ? ? A DT 10 N3 ? ? ? 1_555 A DA 5  N7 ? ? A DT 10 A DA 5  12_555 ? ? ? ? ? ? HOOGSTEEN ? ? ? 
hydrog16 hydrog ? ? A DT 10 O4 ? ? ? 1_555 A DA 5  N6 ? ? A DT 10 A DA 5  12_555 ? ? ? ? ? ? HOOGSTEEN ? ? ? 
hydrog17 hydrog ? ? A DA 11 N6 ? ? ? 1_555 A DT 4  O4 ? ? A DA 11 A DT 4  12_555 ? ? ? ? ? ? HOOGSTEEN ? ? ? 
hydrog18 hydrog ? ? A DA 11 N7 ? ? ? 1_555 A DT 4  N3 ? ? A DA 11 A DT 4  12_555 ? ? ? ? ? ? HOOGSTEEN ? ? ? 
hydrog19 hydrog ? ? A DT 12 N3 ? ? ? 1_555 A DA 3  N7 ? ? A DT 12 A DA 3  12_555 ? ? ? ? ? ? HOOGSTEEN ? ? ? 
hydrog20 hydrog ? ? A DT 12 O4 ? ? ? 1_555 A DA 3  N6 ? ? A DT 12 A DA 3  12_555 ? ? ? ? ? ? HOOGSTEEN ? ? ? 
# 
_struct_conn_type.id          hydrog 
_struct_conn_type.criteria    ? 
_struct_conn_type.reference   ? 
# 
_atom_sites.entry_id                    2AF1 
_atom_sites.fract_transf_matrix[1][1]   -0.00011621 
_atom_sites.fract_transf_matrix[1][2]   -0.00566136 
_atom_sites.fract_transf_matrix[1][3]   -0.04313653 
_atom_sites.fract_transf_matrix[2][1]   -0.03724606 
_atom_sites.fract_transf_matrix[2][2]   -0.00881916 
_atom_sites.fract_transf_matrix[2][3]   -0.02068152 
_atom_sites.fract_transf_matrix[3][1]   -0.00072855 
_atom_sites.fract_transf_matrix[3][2]   0.00443829 
_atom_sites.fract_transf_matrix[3][3]   -0.00058053 
_atom_sites.fract_transf_vector[1]      -0.475819 
_atom_sites.fract_transf_vector[2]      -0.298249 
_atom_sites.fract_transf_vector[3]      0.092999 
# 
loop_
_atom_type.symbol 
C 
N 
O 
P 
# 
loop_
_atom_site.group_PDB 
_atom_site.id 
_atom_site.type_symbol 
_atom_site.label_atom_id 
_atom_site.label_alt_id 
_atom_site.label_comp_id 
_atom_site.label_asym_id 
_atom_site.label_entity_id 
_atom_site.label_seq_id 
_atom_site.pdbx_PDB_ins_code 
_atom_site.Cartn_x 
_atom_site.Cartn_y 
_atom_site.Cartn_z 
_atom_site.occupancy 
_atom_site.B_iso_or_equiv 
_atom_site.pdbx_formal_charge 
_atom_site.auth_seq_id 
_atom_site.auth_comp_id 
_atom_site.auth_asym_id 
_atom_site.auth_atom_id 
_atom_site.pdbx_PDB_model_num 
ATOM 1   O "O5'" . DC A 1 1  ? 10.186  14.234  -6.485 1.00 50.00 ? 1  DC A "O5'" 1 
ATOM 2   C "C5'" . DC A 1 1  ? 11.109  14.342  -5.402 1.00 50.00 ? 1  DC A "C5'" 1 
ATOM 3   C "C4'" . DC A 1 1  ? 10.453  14.864  -4.124 1.00 50.00 ? 1  DC A "C4'" 1 
ATOM 4   O "O4'" . DC A 1 1  ? 9.212   15.578  -4.407 1.00 50.00 ? 1  DC A "O4'" 1 
ATOM 5   C "C3'" . DC A 1 1  ? 10.096  13.793  -3.075 1.00 50.00 ? 1  DC A "C3'" 1 
ATOM 6   O "O3'" . DC A 1 1  ? 10.450  14.219  -1.734 1.00 50.00 ? 1  DC A "O3'" 1 
ATOM 7   C "C2'" . DC A 1 1  ? 8.587   13.704  -3.239 1.00 50.00 ? 1  DC A "C2'" 1 
ATOM 8   C "C1'" . DC A 1 1  ? 8.353   15.202  -3.351 1.00 50.00 ? 1  DC A "C1'" 1 
ATOM 9   N N1    . DC A 1 1  ? 6.944   15.668  -3.535 1.00 50.00 ? 1  DC A N1    1 
ATOM 10  C C2    . DC A 1 1  ? 6.470   16.649  -2.656 1.00 50.00 ? 1  DC A C2    1 
ATOM 11  O O2    . DC A 1 1  ? 7.228   17.067  -1.774 1.00 50.00 ? 1  DC A O2    1 
ATOM 12  N N3    . DC A 1 1  ? 5.198   17.099  -2.781 1.00 50.00 ? 1  DC A N3    1 
ATOM 13  C C4    . DC A 1 1  ? 4.423   16.609  -3.744 1.00 50.00 ? 1  DC A C4    1 
ATOM 14  N N4    . DC A 1 1  ? 3.175   17.077  -3.830 1.00 50.00 ? 1  DC A N4    1 
ATOM 15  C C5    . DC A 1 1  ? 4.879   15.601  -4.647 1.00 50.00 ? 1  DC A C5    1 
ATOM 16  C C6    . DC A 1 1  ? 6.136   15.164  -4.512 1.00 50.00 ? 1  DC A C6    1 
ATOM 17  P P     . DG A 1 2  ? 10.614  13.208  -0.479 1.00 50.00 ? 2  DG A P     1 
ATOM 18  O OP1   . DG A 1 2  ? 11.823  12.369  -0.692 1.00 50.00 ? 2  DG A OP1   1 
ATOM 19  O OP2   . DG A 1 2  ? 9.318   12.534  -0.216 1.00 50.00 ? 2  DG A OP2   1 
ATOM 20  O "O5'" . DG A 1 2  ? 10.902  14.277  0.689  1.00 50.00 ? 2  DG A "O5'" 1 
ATOM 21  C "C5'" . DG A 1 2  ? 10.740  13.958  2.067  1.00 50.00 ? 2  DG A "C5'" 1 
ATOM 22  C "C4'" . DG A 1 2  ? 9.345   14.263  2.595  1.00 50.00 ? 2  DG A "C4'" 1 
ATOM 23  O "O4'" . DG A 1 2  ? 8.452   14.723  1.547  1.00 50.00 ? 2  DG A "O4'" 1 
ATOM 24  C "C3'" . DG A 1 2  ? 8.653   13.048  3.190  1.00 50.00 ? 2  DG A "C3'" 1 
ATOM 25  O "O3'" . DG A 1 2  ? 8.154   13.343  4.491  1.00 50.00 ? 2  DG A "O3'" 1 
ATOM 26  C "C2'" . DG A 1 2  ? 7.520   12.760  2.214  1.00 50.00 ? 2  DG A "C2'" 1 
ATOM 27  C "C1'" . DG A 1 2  ? 7.173   14.177  1.792  1.00 50.00 ? 2  DG A "C1'" 1 
ATOM 28  N N9    . DG A 1 2  ? 6.306   14.306  0.609  1.00 50.00 ? 2  DG A N9    1 
ATOM 29  C C8    . DG A 1 2  ? 6.627   13.998  -0.691 1.00 50.00 ? 2  DG A C8    1 
ATOM 30  N N7    . DG A 1 2  ? 5.658   14.211  -1.545 1.00 50.00 ? 2  DG A N7    1 
ATOM 31  C C5    . DG A 1 2  ? 4.620   14.711  -0.774 1.00 50.00 ? 2  DG A C5    1 
ATOM 32  C C6    . DG A 1 2  ? 3.315   15.117  -1.153 1.00 50.00 ? 2  DG A C6    1 
ATOM 33  O O6    . DG A 1 2  ? 2.814   15.121  -2.280 1.00 50.00 ? 2  DG A O6    1 
ATOM 34  N N1    . DG A 1 2  ? 2.557   15.552  -0.071 1.00 50.00 ? 2  DG A N1    1 
ATOM 35  C C2    . DG A 1 2  ? 3.015   15.582  1.222  1.00 50.00 ? 2  DG A C2    1 
ATOM 36  N N2    . DG A 1 2  ? 2.149   16.032  2.134  1.00 50.00 ? 2  DG A N2    1 
ATOM 37  N N3    . DG A 1 2  ? 4.233   15.199  1.600  1.00 50.00 ? 2  DG A N3    1 
ATOM 38  C C4    . DG A 1 2  ? 4.996   14.772  0.555  1.00 50.00 ? 2  DG A C4    1 
ATOM 39  P P     . DA A 1 3  ? 8.110   12.147  5.558  1.00 50.00 ? 3  DA A P     1 
ATOM 40  O OP1   . DA A 1 3  ? 8.965   12.589  6.685  1.00 50.00 ? 3  DA A OP1   1 
ATOM 41  O OP2   . DA A 1 3  ? 8.414   10.878  4.841  1.00 50.00 ? 3  DA A OP2   1 
ATOM 42  O "O5'" . DA A 1 3  ? 6.587   12.079  6.068  1.00 50.00 ? 3  DA A "O5'" 1 
ATOM 43  C "C5'" . DA A 1 3  ? 5.744   13.243  6.161  1.00 50.00 ? 3  DA A "C5'" 1 
ATOM 44  C "C4'" . DA A 1 3  ? 4.254   12.886  6.130  1.00 50.00 ? 3  DA A "C4'" 1 
ATOM 45  O "O4'" . DA A 1 3  ? 3.671   13.129  4.812  1.00 50.00 ? 3  DA A "O4'" 1 
ATOM 46  C "C3'" . DA A 1 3  ? 3.885   11.439  6.464  1.00 50.00 ? 3  DA A "C3'" 1 
ATOM 47  O "O3'" . DA A 1 3  ? 2.757   11.438  7.338  1.00 50.00 ? 3  DA A "O3'" 1 
ATOM 48  C "C2'" . DA A 1 3  ? 3.557   10.840  5.095  1.00 50.00 ? 3  DA A "C2'" 1 
ATOM 49  C "C1'" . DA A 1 3  ? 2.831   12.034  4.488  1.00 50.00 ? 3  DA A "C1'" 1 
ATOM 50  N N9    . DA A 1 3  ? 2.497   12.039  3.053  1.00 50.00 ? 3  DA A N9    1 
ATOM 51  C C8    . DA A 1 3  ? 1.229   12.238  2.581  1.00 50.00 ? 3  DA A C8    1 
ATOM 52  N N7    . DA A 1 3  ? 1.116   12.227  1.271  1.00 50.00 ? 3  DA A N7    1 
ATOM 53  C C5    . DA A 1 3  ? 2.406   12.018  0.827  1.00 50.00 ? 3  DA A C5    1 
ATOM 54  C C6    . DA A 1 3  ? 2.936   11.906  -0.480 1.00 50.00 ? 3  DA A C6    1 
ATOM 55  N N6    . DA A 1 3  ? 2.202   12.003  -1.592 1.00 50.00 ? 3  DA A N6    1 
ATOM 56  N N1    . DA A 1 3  ? 4.260   11.698  -0.597 1.00 50.00 ? 3  DA A N1    1 
ATOM 57  C C2    . DA A 1 3  ? 4.977   11.596  0.532  1.00 50.00 ? 3  DA A C2    1 
ATOM 58  N N3    . DA A 1 3  ? 4.597   11.695  1.815  1.00 50.00 ? 3  DA A N3    1 
ATOM 59  C C4    . DA A 1 3  ? 3.277   11.905  1.911  1.00 50.00 ? 3  DA A C4    1 
ATOM 60  P P     . DT A 1 4  ? 2.571   10.280  8.429  1.00 50.00 ? 4  DT A P     1 
ATOM 61  O OP1   . DT A 1 4  ? 2.389   10.908  9.761  1.00 50.00 ? 4  DT A OP1   1 
ATOM 62  O OP2   . DT A 1 4  ? 3.646   9.281   8.228  1.00 50.00 ? 4  DT A OP2   1 
ATOM 63  O "O5'" . DT A 1 4  ? 1.194   9.619   7.970  1.00 50.00 ? 4  DT A "O5'" 1 
ATOM 64  C "C5'" . DT A 1 4  ? -0.007  10.312  8.264  1.00 50.00 ? 4  DT A "C5'" 1 
ATOM 65  C "C4'" . DT A 1 4  ? -1.014  10.126  7.152  1.00 50.00 ? 4  DT A "C4'" 1 
ATOM 66  O "O4'" . DT A 1 4  ? -0.333  10.269  5.879  1.00 50.00 ? 4  DT A "O4'" 1 
ATOM 67  C "C3'" . DT A 1 4  ? -1.684  8.751   7.153  1.00 50.00 ? 4  DT A "C3'" 1 
ATOM 68  O "O3'" . DT A 1 4  ? -3.082  8.841   7.536  1.00 50.00 ? 4  DT A "O3'" 1 
ATOM 69  C "C2'" . DT A 1 4  ? -1.469  8.252   5.723  1.00 50.00 ? 4  DT A "C2'" 1 
ATOM 70  C "C1'" . DT A 1 4  ? -1.090  9.519   4.956  1.00 50.00 ? 4  DT A "C1'" 1 
ATOM 71  N N1    . DT A 1 4  ? -0.346  9.336   3.633  1.00 50.00 ? 4  DT A N1    1 
ATOM 72  C C2    . DT A 1 4  ? -1.068  9.407   2.444  1.00 50.00 ? 4  DT A C2    1 
ATOM 73  O O2    . DT A 1 4  ? -2.273  9.599   2.389  1.00 50.00 ? 4  DT A O2    1 
ATOM 74  N N3    . DT A 1 4  ? -0.328  9.240   1.294  1.00 50.00 ? 4  DT A N3    1 
ATOM 75  C C4    . DT A 1 4  ? 1.032   9.015   1.209  1.00 50.00 ? 4  DT A C4    1 
ATOM 76  O O4    . DT A 1 4  ? 1.596   8.878   0.132  1.00 50.00 ? 4  DT A O4    1 
ATOM 77  C C5    . DT A 1 4  ? 1.731   8.952   2.470  1.00 50.00 ? 4  DT A C5    1 
ATOM 78  C C7    . DT A 1 4  ? 3.210   8.708   2.478  1.00 50.00 ? 4  DT A C7    1 
ATOM 79  C C6    . DT A 1 4  ? 1.023   9.108   3.605  1.00 50.00 ? 4  DT A C6    1 
ATOM 80  P P     . DA A 1 5  ? -3.976  7.549   7.934  1.00 50.00 ? 5  DA A P     1 
ATOM 81  O OP1   . DA A 1 5  ? -5.059  7.987   8.847  1.00 50.00 ? 5  DA A OP1   1 
ATOM 82  O OP2   . DA A 1 5  ? -3.070  6.450   8.369  1.00 50.00 ? 5  DA A OP2   1 
ATOM 83  O "O5'" . DA A 1 5  ? -4.660  7.168   6.527  1.00 50.00 ? 5  DA A "O5'" 1 
ATOM 84  C "C5'" . DA A 1 5  ? -5.387  8.161   5.792  1.00 50.00 ? 5  DA A "C5'" 1 
ATOM 85  C "C4'" . DA A 1 5  ? -5.882  7.640   4.454  1.00 50.00 ? 5  DA A "C4'" 1 
ATOM 86  O "O4'" . DA A 1 5  ? -4.836  7.711   3.446  1.00 50.00 ? 5  DA A "O4'" 1 
ATOM 87  C "C3'" . DA A 1 5  ? -6.365  6.194   4.456  1.00 50.00 ? 5  DA A "C3'" 1 
ATOM 88  O "O3'" . DA A 1 5  ? -7.676  6.151   3.908  1.00 50.00 ? 5  DA A "O3'" 1 
ATOM 89  C "C2'" . DA A 1 5  ? -5.341  5.472   3.582  1.00 50.00 ? 5  DA A "C2'" 1 
ATOM 90  C "C1'" . DA A 1 5  ? -4.971  6.580   2.606  1.00 50.00 ? 5  DA A "C1'" 1 
ATOM 91  N N9    . DA A 1 5  ? -3.769  6.406   1.764  1.00 50.00 ? 5  DA A N9    1 
ATOM 92  C C8    . DA A 1 5  ? -3.771  6.368   0.394  1.00 50.00 ? 5  DA A C8    1 
ATOM 93  N N7    . DA A 1 5  ? -2.593  6.223   -0.163 1.00 50.00 ? 5  DA A N7    1 
ATOM 94  C C5    . DA A 1 5  ? -1.737  6.165   0.913  1.00 50.00 ? 5  DA A C5    1 
ATOM 95  C C6    . DA A 1 5  ? -0.335  6.015   0.982  1.00 50.00 ? 5  DA A C6    1 
ATOM 96  N N6    . DA A 1 5  ? 0.444   5.900   -0.098 1.00 50.00 ? 5  DA A N6    1 
ATOM 97  N N1    . DA A 1 5  ? 0.232   5.996   2.210  1.00 50.00 ? 5  DA A N1    1 
ATOM 98  C C2    . DA A 1 5  ? -0.567  6.111   3.283  1.00 50.00 ? 5  DA A C2    1 
ATOM 99  N N3    . DA A 1 5  ? -1.897  6.257   3.339  1.00 50.00 ? 5  DA A N3    1 
ATOM 100 C C4    . DA A 1 5  ? -2.437  6.278   2.110  1.00 50.00 ? 5  DA A C4    1 
ATOM 101 P P     . DT A 1 6  ? -8.647  4.898   4.177  1.00 50.00 ? 6  DT A P     1 
ATOM 102 O OP1   . DT A 1 6  ? -9.954  5.371   4.688  1.00 50.00 ? 6  DT A OP1   1 
ATOM 103 O OP2   . DT A 1 6  ? -7.903  3.879   4.951  1.00 50.00 ? 6  DT A OP2   1 
ATOM 104 O "O5'" . DT A 1 6  ? -8.873  4.379   2.692  1.00 50.00 ? 6  DT A "O5'" 1 
ATOM 105 C "C5'" . DT A 1 6  ? -8.715  5.283   1.612  1.00 50.00 ? 6  DT A "C5'" 1 
ATOM 106 C "C4'" . DT A 1 6  ? -8.338  4.486   0.387  1.00 50.00 ? 6  DT A "C4'" 1 
ATOM 107 O "O4'" . DT A 1 6  ? -6.896  4.481   0.261  1.00 50.00 ? 6  DT A "O4'" 1 
ATOM 108 C "C3'" . DT A 1 6  ? -8.760  3.021   0.447  1.00 50.00 ? 6  DT A "C3'" 1 
ATOM 109 O "O3'" . DT A 1 6  ? -9.458  2.686   -0.748 1.00 50.00 ? 6  DT A "O3'" 1 
ATOM 110 C "C2'" . DT A 1 6  ? -7.446  2.250   0.627  1.00 50.00 ? 6  DT A "C2'" 1 
ATOM 111 C "C1'" . DT A 1 6  ? -6.472  3.178   -0.090 1.00 50.00 ? 6  DT A "C1'" 1 
ATOM 112 N N1    . DT A 1 6  ? -5.000  3.031   0.232  1.00 50.00 ? 6  DT A N1    1 
ATOM 113 C C2    . DT A 1 6  ? -4.120  2.920   -0.825 1.00 50.00 ? 6  DT A C2    1 
ATOM 114 O O2    . DT A 1 6  ? -4.477  2.925   -1.989 1.00 50.00 ? 6  DT A O2    1 
ATOM 115 N N3    . DT A 1 6  ? -2.796  2.796   -0.473 1.00 50.00 ? 6  DT A N3    1 
ATOM 116 C C4    . DT A 1 6  ? -2.274  2.779   0.806  1.00 50.00 ? 6  DT A C4    1 
ATOM 117 O O4    . DT A 1 6  ? -1.071  2.669   1.014  1.00 50.00 ? 6  DT A O4    1 
ATOM 118 C C5    . DT A 1 6  ? -3.243  2.902   1.869  1.00 50.00 ? 6  DT A C5    1 
ATOM 119 C C7    . DT A 1 6  ? -2.795  2.894   3.299  1.00 50.00 ? 6  DT A C7    1 
ATOM 120 C C6    . DT A 1 6  ? -4.540  3.021   1.537  1.00 50.00 ? 6  DT A C6    1 
ATOM 121 P P     . DA A 1 7  ? -10.233 1.291   -0.867 1.00 50.00 ? 7  DA A P     1 
ATOM 122 O OP1   . DA A 1 7  ? -11.520 1.497   -1.573 1.00 50.00 ? 7  DA A OP1   1 
ATOM 123 O OP2   . DA A 1 7  ? -10.237 0.643   0.470  1.00 50.00 ? 7  DA A OP2   1 
ATOM 124 O "O5'" . DA A 1 7  ? -9.249  0.532   -1.872 1.00 50.00 ? 7  DA A "O5'" 1 
ATOM 125 C "C5'" . DA A 1 7  ? -9.032  1.083   -3.161 1.00 50.00 ? 7  DA A "C5'" 1 
ATOM 126 C "C4'" . DA A 1 7  ? -8.023  0.253   -3.923 1.00 50.00 ? 7  DA A "C4'" 1 
ATOM 127 O "O4'" . DA A 1 7  ? -6.741  0.273   -3.258 1.00 50.00 ? 7  DA A "O4'" 1 
ATOM 128 C "C3'" . DA A 1 7  ? -8.348  -1.229  -4.060 1.00 50.00 ? 7  DA A "C3'" 1 
ATOM 129 O "O3'" . DA A 1 7  ? -8.294  -1.516  -5.452 1.00 50.00 ? 7  DA A "O3'" 1 
ATOM 130 C "C2'" . DA A 1 7  ? -7.246  -1.924  -3.246 1.00 50.00 ? 7  DA A "C2'" 1 
ATOM 131 C "C1'" . DA A 1 7  ? -6.122  -0.958  -3.559 1.00 50.00 ? 7  DA A "C1'" 1 
ATOM 132 N N9    . DA A 1 7  ? -4.842  -1.021  -2.850 1.00 50.00 ? 7  DA A N9    1 
ATOM 133 C C8    . DA A 1 7  ? -3.640  -1.316  -3.426 1.00 50.00 ? 7  DA A C8    1 
ATOM 134 N N7    . DA A 1 7  ? -2.626  -1.276  -2.600 1.00 50.00 ? 7  DA A N7    1 
ATOM 135 C C5    . DA A 1 7  ? -3.190  -0.910  -1.402 1.00 50.00 ? 7  DA A C5    1 
ATOM 136 C C6    . DA A 1 7  ? -2.628  -0.692  -0.131 1.00 50.00 ? 7  DA A C6    1 
ATOM 137 N N6    . DA A 1 7  ? -1.325  -0.822  0.125  1.00 50.00 ? 7  DA A N6    1 
ATOM 138 N N1    . DA A 1 7  ? -3.460  -0.330  0.867  1.00 50.00 ? 7  DA A N1    1 
ATOM 139 C C2    . DA A 1 7  ? -4.765  -0.211  0.591  1.00 50.00 ? 7  DA A C2    1 
ATOM 140 N N3    . DA A 1 7  ? -5.411  -0.390  -0.564 1.00 50.00 ? 7  DA A N3    1 
ATOM 141 C C4    . DA A 1 7  ? -4.556  -0.743  -1.534 1.00 50.00 ? 7  DA A C4    1 
ATOM 142 P P     . DT A 1 8  ? -8.485  -2.998  -6.009 1.00 50.00 ? 8  DT A P     1 
ATOM 143 O OP1   . DT A 1 8  ? -8.866  -2.913  -7.437 1.00 50.00 ? 8  DT A OP1   1 
ATOM 144 O OP2   . DT A 1 8  ? -9.362  -3.727  -5.068 1.00 50.00 ? 8  DT A OP2   1 
ATOM 145 O "O5'" . DT A 1 8  ? -7.010  -3.583  -5.883 1.00 50.00 ? 8  DT A "O5'" 1 
ATOM 146 C "C5'" . DT A 1 8  ? -5.997  -3.065  -6.718 1.00 50.00 ? 8  DT A "C5'" 1 
ATOM 147 C "C4'" . DT A 1 8  ? -4.836  -4.042  -6.828 1.00 50.00 ? 8  DT A "C4'" 1 
ATOM 148 O "O4'" . DT A 1 8  ? -4.033  -4.057  -5.620 1.00 50.00 ? 8  DT A "O4'" 1 
ATOM 149 C "C3'" . DT A 1 8  ? -5.183  -5.506  -7.009 1.00 50.00 ? 8  DT A "C3'" 1 
ATOM 150 O "O3'" . DT A 1 8  ? -4.026  -6.084  -7.544 1.00 50.00 ? 8  DT A "O3'" 1 
ATOM 151 C "C2'" . DT A 1 8  ? -5.375  -5.986  -5.575 1.00 50.00 ? 8  DT A "C2'" 1 
ATOM 152 C "C1'" . DT A 1 8  ? -4.150  -5.311  -4.966 1.00 50.00 ? 8  DT A "C1'" 1 
ATOM 153 N N1    . DT A 1 8  ? -4.159  -4.979  -3.520 1.00 50.00 ? 8  DT A N1    1 
ATOM 154 C C2    . DT A 1 8  ? -2.930  -4.748  -2.945 1.00 50.00 ? 8  DT A C2    1 
ATOM 155 O O2    . DT A 1 8  ? -1.885  -4.832  -3.563 1.00 50.00 ? 8  DT A O2    1 
ATOM 156 N N3    . DT A 1 8  ? -2.954  -4.419  -1.619 1.00 50.00 ? 8  DT A N3    1 
ATOM 157 C C4    . DT A 1 8  ? -4.077  -4.296  -0.832 1.00 50.00 ? 8  DT A C4    1 
ATOM 158 O O4    . DT A 1 8  ? -3.976  -3.995  0.355  1.00 50.00 ? 8  DT A O4    1 
ATOM 159 C C5    . DT A 1 8  ? -5.338  -4.546  -1.507 1.00 50.00 ? 8  DT A C5    1 
ATOM 160 C C7    . DT A 1 8  ? -6.639  -4.451  -0.772 1.00 50.00 ? 8  DT A C7    1 
ATOM 161 C C6    . DT A 1 8  ? -5.330  -4.868  -2.805 1.00 50.00 ? 8  DT A C6    1 
ATOM 162 P P     . DA A 1 9  ? -4.217  -7.333  -8.490 1.00 50.00 ? 9  DA A P     1 
ATOM 163 O OP1   . DA A 1 9  ? -3.822  -6.933  -9.859 1.00 50.00 ? 9  DA A OP1   1 
ATOM 164 O OP2   . DA A 1 9  ? -5.570  -7.875  -8.217 1.00 50.00 ? 9  DA A OP2   1 
ATOM 165 O "O5'" . DA A 1 9  ? -3.124  -8.351  -7.946 1.00 50.00 ? 9  DA A "O5'" 1 
ATOM 166 C "C5'" . DA A 1 9  ? -1.798  -8.149  -8.366 1.00 50.00 ? 9  DA A "C5'" 1 
ATOM 167 C "C4'" . DA A 1 9  ? -0.880  -8.496  -7.224 1.00 50.00 ? 9  DA A "C4'" 1 
ATOM 168 O "O4'" . DA A 1 9  ? -1.430  -8.069  -5.957 1.00 50.00 ? 9  DA A "O4'" 1 
ATOM 169 C "C3'" . DA A 1 9  ? -0.662  -9.987  -7.023 1.00 50.00 ? 9  DA A "C3'" 1 
ATOM 170 O "O3'" . DA A 1 9  ? 0.587   -10.327 -7.592 1.00 50.00 ? 9  DA A "O3'" 1 
ATOM 171 C "C2'" . DA A 1 9  ? -0.672  -10.160 -5.498 1.00 50.00 ? 9  DA A "C2'" 1 
ATOM 172 C "C1'" . DA A 1 9  ? -0.581  -8.718  -5.035 1.00 50.00 ? 9  DA A "C1'" 1 
ATOM 173 N N9    . DA A 1 9  ? -0.965  -8.408  -3.658 1.00 50.00 ? 9  DA A N9    1 
ATOM 174 C C8    . DA A 1 9  ? -0.104  -8.024  -2.671 1.00 50.00 ? 9  DA A C8    1 
ATOM 175 N N7    . DA A 1 9  ? -0.681  -7.778  -1.524 1.00 50.00 ? 9  DA A N7    1 
ATOM 176 C C5    . DA A 1 9  ? -2.012  -8.014  -1.774 1.00 50.00 ? 9  DA A C5    1 
ATOM 177 C C6    . DA A 1 9  ? -3.144  -7.927  -0.949 1.00 50.00 ? 9  DA A C6    1 
ATOM 178 N N6    . DA A 1 9  ? -3.074  -7.567  0.334  1.00 50.00 ? 9  DA A N6    1 
ATOM 179 N N1    . DA A 1 9  ? -4.343  -8.225  -1.496 1.00 50.00 ? 9  DA A N1    1 
ATOM 180 C C2    . DA A 1 9  ? -4.391  -8.586  -2.787 1.00 50.00 ? 9  DA A C2    1 
ATOM 181 N N3    . DA A 1 9  ? -3.386  -8.703  -3.660 1.00 50.00 ? 9  DA A N3    1 
ATOM 182 C C4    . DA A 1 9  ? -2.213  -8.402  -3.086 1.00 50.00 ? 9  DA A C4    1 
ATOM 183 P P     . DT A 1 10 ? 1.088   -11.841 -7.586 1.00 50.00 ? 10 DT A P     1 
ATOM 184 O OP1   . DT A 1 10 ? 2.110   -11.957 -8.649 1.00 50.00 ? 10 DT A OP1   1 
ATOM 185 O OP2   . DT A 1 10 ? -0.085  -12.747 -7.600 1.00 50.00 ? 10 DT A OP2   1 
ATOM 186 O "O5'" . DT A 1 10 ? 1.789   -11.938 -6.156 1.00 50.00 ? 10 DT A "O5'" 1 
ATOM 187 C "C5'" . DT A 1 10 ? 3.195   -11.746 -6.037 1.00 50.00 ? 10 DT A "C5'" 1 
ATOM 188 C "C4'" . DT A 1 10 ? 3.680   -12.442 -4.779 1.00 50.00 ? 10 DT A "C4'" 1 
ATOM 189 O "O4'" . DT A 1 10 ? 2.939   -11.916 -3.646 1.00 50.00 ? 10 DT A "O4'" 1 
ATOM 190 C "C3'" . DT A 1 10 ? 3.499   -13.963 -4.776 1.00 50.00 ? 10 DT A "C3'" 1 
ATOM 191 O "O3'" . DT A 1 10 ? 4.741   -14.620 -4.381 1.00 50.00 ? 10 DT A "O3'" 1 
ATOM 192 C "C2'" . DT A 1 10 ? 2.267   -14.186 -3.888 1.00 50.00 ? 10 DT A "C2'" 1 
ATOM 193 C "C1'" . DT A 1 10 ? 2.259   -12.957 -2.973 1.00 50.00 ? 10 DT A "C1'" 1 
ATOM 194 N N1    . DT A 1 10 ? 0.917   -12.452 -2.481 1.00 50.00 ? 10 DT A N1    1 
ATOM 195 C C2    . DT A 1 10 ? 0.898   -11.859 -1.235 1.00 50.00 ? 10 DT A C2    1 
ATOM 196 O O2    . DT A 1 10 ? 1.897   -11.731 -0.552 1.00 50.00 ? 10 DT A O2    1 
ATOM 197 N N3    . DT A 1 10 ? -0.333  -11.418 -0.812 1.00 50.00 ? 10 DT A N3    1 
ATOM 198 C C4    . DT A 1 10 ? -1.527  -11.505 -1.500 1.00 50.00 ? 10 DT A C4    1 
ATOM 199 O O4    . DT A 1 10 ? -2.575  -11.077 -1.033 1.00 50.00 ? 10 DT A O4    1 
ATOM 200 C C5    . DT A 1 10 ? -1.454  -12.135 -2.794 1.00 50.00 ? 10 DT A C5    1 
ATOM 201 C C7    . DT A 1 10 ? -2.706  -12.280 -3.608 1.00 50.00 ? 10 DT A C7    1 
ATOM 202 C C6    . DT A 1 10 ? -0.252  -12.576 -3.222 1.00 50.00 ? 10 DT A C6    1 
ATOM 203 P P     . DA A 1 11 ? 5.096   -15.315 -2.969 1.00 50.00 ? 11 DA A P     1 
ATOM 204 O OP1   . DA A 1 11 ? 6.495   -15.795 -3.075 1.00 50.00 ? 11 DA A OP1   1 
ATOM 205 O OP2   . DA A 1 11 ? 4.018   -16.287 -2.670 1.00 50.00 ? 11 DA A OP2   1 
ATOM 206 O "O5'" . DA A 1 11 ? 5.044   -14.136 -1.874 1.00 50.00 ? 11 DA A "O5'" 1 
ATOM 207 C "C5'" . DA A 1 11 ? 5.980   -14.053 -0.779 1.00 50.00 ? 11 DA A "C5'" 1 
ATOM 208 C "C4'" . DA A 1 11 ? 5.487   -14.716 0.510  1.00 50.00 ? 11 DA A "C4'" 1 
ATOM 209 O "O4'" . DA A 1 11 ? 4.175   -14.239 0.946  1.00 50.00 ? 11 DA A "O4'" 1 
ATOM 210 C "C3'" . DA A 1 11 ? 5.367   -16.237 0.465  1.00 50.00 ? 11 DA A "C3'" 1 
ATOM 211 O "O3'" . DA A 1 11 ? 5.823   -16.791 1.703  1.00 50.00 ? 11 DA A "O3'" 1 
ATOM 212 C "C2'" . DA A 1 11 ? 3.865   -16.406 0.291  1.00 50.00 ? 11 DA A "C2'" 1 
ATOM 213 C "C1'" . DA A 1 11 ? 3.451   -15.386 1.339  1.00 50.00 ? 11 DA A "C1'" 1 
ATOM 214 N N9    . DA A 1 11 ? 2.010   -15.182 1.526  1.00 50.00 ? 11 DA A N9    1 
ATOM 215 C C8    . DA A 1 11 ? 1.425   -14.864 2.722  1.00 50.00 ? 11 DA A C8    1 
ATOM 216 N N7    . DA A 1 11 ? 0.120   -14.744 2.670  1.00 50.00 ? 11 DA A N7    1 
ATOM 217 C C5    . DA A 1 11 ? -0.178  -15.012 1.348  1.00 50.00 ? 11 DA A C5    1 
ATOM 218 C C6    . DA A 1 11 ? -1.401  -15.038 0.661  1.00 50.00 ? 11 DA A C6    1 
ATOM 219 N N6    . DA A 1 11 ? -2.568  -14.785 1.256  1.00 50.00 ? 11 DA A N6    1 
ATOM 220 N N1    . DA A 1 11 ? -1.376  -15.345 -0.651 1.00 50.00 ? 11 DA A N1    1 
ATOM 221 C C2    . DA A 1 11 ? -0.194  -15.601 -1.229 1.00 50.00 ? 11 DA A C2    1 
ATOM 222 N N3    . DA A 1 11 ? 1.022   -15.598 -0.684 1.00 50.00 ? 11 DA A N3    1 
ATOM 223 C C4    . DA A 1 11 ? 0.967   -15.295 0.623  1.00 50.00 ? 11 DA A C4    1 
ATOM 224 P P     . DT A 1 12 ? 5.203   -18.147 2.307  1.00 50.00 ? 12 DT A P     1 
ATOM 225 O OP1   . DT A 1 12 ? 6.312   -18.848 2.993  1.00 50.00 ? 12 DT A OP1   1 
ATOM 226 O OP2   . DT A 1 12 ? 4.441   -18.866 1.254  1.00 50.00 ? 12 DT A OP2   1 
ATOM 227 O "O5'" . DT A 1 12 ? 4.165   -17.606 3.401  1.00 50.00 ? 12 DT A "O5'" 1 
ATOM 228 C "C5'" . DT A 1 12 ? 4.567   -17.380 4.750  1.00 50.00 ? 12 DT A "C5'" 1 
ATOM 229 C "C4'" . DT A 1 12 ? 3.568   -17.998 5.719  1.00 50.00 ? 12 DT A "C4'" 1 
ATOM 230 O "O4'" . DT A 1 12 ? 2.224   -17.650 5.306  1.00 50.00 ? 12 DT A "O4'" 1 
ATOM 231 C "C3'" . DT A 1 12 ? 3.598   -19.523 5.839  1.00 50.00 ? 12 DT A "C3'" 1 
ATOM 232 O "O3'" . DT A 1 12 ? 3.406   -19.915 7.195  1.00 50.00 ? 12 DT A "O3'" 1 
ATOM 233 C "C2'" . DT A 1 12 ? 2.437   -19.966 4.956  1.00 50.00 ? 12 DT A "C2'" 1 
ATOM 234 C "C1'" . DT A 1 12 ? 1.448   -18.823 5.178  1.00 50.00 ? 12 DT A "C1'" 1 
ATOM 235 N N1    . DT A 1 12 ? 0.437   -18.549 4.105  1.00 50.00 ? 12 DT A N1    1 
ATOM 236 C C2    . DT A 1 12 ? -0.617  -17.728 4.440  1.00 50.00 ? 12 DT A C2    1 
ATOM 237 O O2    . DT A 1 12 ? -0.751  -17.239 5.547  1.00 50.00 ? 12 DT A O2    1 
ATOM 238 N N3    . DT A 1 12 ? -1.517  -17.499 3.429  1.00 50.00 ? 12 DT A N3    1 
ATOM 239 C C4    . DT A 1 12 ? -1.465  -17.993 2.141  1.00 50.00 ? 12 DT A C4    1 
ATOM 240 O O4    . DT A 1 12 ? -2.334  -17.720 1.320  1.00 50.00 ? 12 DT A O4    1 
ATOM 241 C C5    . DT A 1 12 ? -0.333  -18.844 1.851  1.00 50.00 ? 12 DT A C5    1 
ATOM 242 C C7    . DT A 1 12 ? -0.165  -19.450 0.488  1.00 50.00 ? 12 DT A C7    1 
ATOM 243 C C6    . DT A 1 12 ? 0.555   -19.072 2.830  1.00 50.00 ? 12 DT A C6    1 
# 
loop_
_pdbx_poly_seq_scheme.asym_id 
_pdbx_poly_seq_scheme.entity_id 
_pdbx_poly_seq_scheme.seq_id 
_pdbx_poly_seq_scheme.mon_id 
_pdbx_poly_seq_scheme.ndb_seq_num 
_pdbx_poly_seq_scheme.pdb_seq_num 
_pdbx_poly_seq_scheme.auth_seq_num 
_pdbx_poly_seq_scheme.pdb_mon_id 
_pdbx_poly_seq_scheme.auth_mon_id 
_pdbx_poly_seq_scheme.pdb_strand_id 
_pdbx_poly_seq_scheme.pdb_ins_code 
_pdbx_poly_seq_scheme.hetero 
A 1 1  DC 1  1  1  DC C A . n 
A 1 2  DG 2  2  2  DG G A . n 
A 1 3  DA 3  3  3  DA A A . n 
A 1 4  DT 4  4  4  DT T A . n 
A 1 5  DA 5  5  5  DA A A . n 
A 1 6  DT 6  6  6  DT T A . n 
A 1 7  DA 7  7  7  DA A A . n 
A 1 8  DT 8  8  8  DT T A . n 
A 1 9  DA 9  9  9  DA A A . n 
A 1 10 DT 10 10 10 DT T A . n 
A 1 11 DA 11 11 11 DA A A . n 
A 1 12 DT 12 12 12 DT T A . n 
# 
_pdbx_struct_assembly.id                   1 
_pdbx_struct_assembly.details              author_defined_assembly 
_pdbx_struct_assembly.method_details       ? 
_pdbx_struct_assembly.oligomeric_details   dimeric 
_pdbx_struct_assembly.oligomeric_count     2 
# 
_pdbx_struct_assembly_gen.assembly_id       1 
_pdbx_struct_assembly_gen.oper_expression   1,2 
_pdbx_struct_assembly_gen.asym_id_list      A 
# 
loop_
_pdbx_struct_oper_list.id 
_pdbx_struct_oper_list.type 
_pdbx_struct_oper_list.name 
_pdbx_struct_oper_list.symmetry_operation 
_pdbx_struct_oper_list.matrix[1][1] 
_pdbx_struct_oper_list.matrix[1][2] 
_pdbx_struct_oper_list.matrix[1][3] 
_pdbx_struct_oper_list.vector[1] 
_pdbx_struct_oper_list.matrix[2][1] 
_pdbx_struct_oper_list.matrix[2][2] 
_pdbx_struct_oper_list.matrix[2][3] 
_pdbx_struct_oper_list.vector[2] 
_pdbx_struct_oper_list.matrix[3][1] 
_pdbx_struct_oper_list.matrix[3][2] 
_pdbx_struct_oper_list.matrix[3][3] 
_pdbx_struct_oper_list.vector[3] 
1 'identity operation'         1_555  x,y,z        1.0000000000  0.0000000000 0.0000000000 0.0000000000  0.0000000000 1.0000000000  0.0000000000 0.0000000000  0.0000000000 0.0000000000 1.0000000000 0.0000000000 
2 'crystal symmetry operation' 12_555 x,x-y,-z+1/6 -0.9999856452 0.0006972426 0.0053125601 -2.4772467438 0.0006972426 -0.9661335303 0.2580416931 -4.6776065930 0.0053125601 0.2580416931 0.9661191755 0.6206022823 
# 
loop_
_pdbx_audit_revision_history.ordinal 
_pdbx_audit_revision_history.data_content_type 
_pdbx_audit_revision_history.major_revision 
_pdbx_audit_revision_history.minor_revision 
_pdbx_audit_revision_history.revision_date 
1 'Structure model' 1 0 2006-03-07 
2 'Structure model' 1 1 2008-04-30 
3 'Structure model' 1 2 2011-07-13 
4 'Structure model' 1 3 2023-08-23 
# 
_pdbx_audit_revision_details.ordinal             1 
_pdbx_audit_revision_details.revision_ordinal    1 
_pdbx_audit_revision_details.data_content_type   'Structure model' 
_pdbx_audit_revision_details.provider            repository 
_pdbx_audit_revision_details.type                'Initial release' 
_pdbx_audit_revision_details.description         ? 
_pdbx_audit_revision_details.details             ? 
# 
loop_
_pdbx_audit_revision_group.ordinal 
_pdbx_audit_revision_group.revision_ordinal 
_pdbx_audit_revision_group.data_content_type 
_pdbx_audit_revision_group.group 
1 2 'Structure model' 'Version format compliance' 
2 3 'Structure model' 'Version format compliance' 
3 4 'Structure model' 'Data collection'           
4 4 'Structure model' 'Database references'       
5 4 'Structure model' 'Refinement description'    
# 
loop_
_pdbx_audit_revision_category.ordinal 
_pdbx_audit_revision_category.revision_ordinal 
_pdbx_audit_revision_category.data_content_type 
_pdbx_audit_revision_category.category 
1 4 'Structure model' chem_comp_atom                
2 4 'Structure model' chem_comp_bond                
3 4 'Structure model' database_2                    
4 4 'Structure model' pdbx_initial_refinement_model 
# 
loop_
_pdbx_audit_revision_item.ordinal 
_pdbx_audit_revision_item.revision_ordinal 
_pdbx_audit_revision_item.data_content_type 
_pdbx_audit_revision_item.item 
1 4 'Structure model' '_database_2.pdbx_DOI'                
2 4 'Structure model' '_database_2.pdbx_database_accession' 
# 
_pdbx_refine_tls.id               1 
_pdbx_refine_tls.details          ? 
_pdbx_refine_tls.method           refined 
_pdbx_refine_tls.origin_x         -9.7967 
_pdbx_refine_tls.origin_y         63.8852 
_pdbx_refine_tls.origin_z         -38.4447 
_pdbx_refine_tls.T[1][1]          0.4564 
_pdbx_refine_tls.T[2][2]          0.2289 
_pdbx_refine_tls.T[3][3]          0.2948 
_pdbx_refine_tls.T[1][2]          0.0077 
_pdbx_refine_tls.T[1][3]          0.0221 
_pdbx_refine_tls.T[2][3]          0.0579 
_pdbx_refine_tls.L[1][1]          5.0568 
_pdbx_refine_tls.L[2][2]          21.8569 
_pdbx_refine_tls.L[3][3]          3.1374 
_pdbx_refine_tls.L[1][2]          2.9069 
_pdbx_refine_tls.L[1][3]          1.0402 
_pdbx_refine_tls.L[2][3]          8.2799 
_pdbx_refine_tls.S[1][1]          -0.0180 
_pdbx_refine_tls.S[1][2]          0.2064 
_pdbx_refine_tls.S[1][3]          -0.7838 
_pdbx_refine_tls.S[2][1]          -1.5145 
_pdbx_refine_tls.S[2][2]          0.4871 
_pdbx_refine_tls.S[2][3]          -0.4801 
_pdbx_refine_tls.S[3][1]          0.1250 
_pdbx_refine_tls.S[3][2]          -0.5294 
_pdbx_refine_tls.S[3][3]          -0.4693 
_pdbx_refine_tls.pdbx_refine_id   'X-RAY DIFFRACTION' 
# 
_pdbx_refine_tls_group.id                  1 
_pdbx_refine_tls_group.refine_tls_id       1 
_pdbx_refine_tls_group.beg_auth_asym_id    A 
_pdbx_refine_tls_group.beg_auth_seq_id     1 
_pdbx_refine_tls_group.beg_label_asym_id   A 
_pdbx_refine_tls_group.beg_label_seq_id    1 
_pdbx_refine_tls_group.end_auth_asym_id    A 
_pdbx_refine_tls_group.end_auth_seq_id     12 
_pdbx_refine_tls_group.end_label_asym_id   A 
_pdbx_refine_tls_group.end_label_seq_id    12 
_pdbx_refine_tls_group.selection           ? 
_pdbx_refine_tls_group.pdbx_refine_id      'X-RAY DIFFRACTION' 
_pdbx_refine_tls_group.selection_details   ? 
# 
loop_
_software.name 
_software.classification 
_software.version 
_software.citation_id 
_software.pdbx_ordinal 
REFMAC    refinement       5.2.0019 ? 1 
HKL-2000  'data reduction' .        ? 2 
SCALEPACK 'data scaling'   .        ? 3 
AMoRE     phasing          .        ? 4 
# 
loop_
_pdbx_validate_rmsd_angle.id 
_pdbx_validate_rmsd_angle.PDB_model_num 
_pdbx_validate_rmsd_angle.auth_atom_id_1 
_pdbx_validate_rmsd_angle.auth_asym_id_1 
_pdbx_validate_rmsd_angle.auth_comp_id_1 
_pdbx_validate_rmsd_angle.auth_seq_id_1 
_pdbx_validate_rmsd_angle.PDB_ins_code_1 
_pdbx_validate_rmsd_angle.label_alt_id_1 
_pdbx_validate_rmsd_angle.auth_atom_id_2 
_pdbx_validate_rmsd_angle.auth_asym_id_2 
_pdbx_validate_rmsd_angle.auth_comp_id_2 
_pdbx_validate_rmsd_angle.auth_seq_id_2 
_pdbx_validate_rmsd_angle.PDB_ins_code_2 
_pdbx_validate_rmsd_angle.label_alt_id_2 
_pdbx_validate_rmsd_angle.auth_atom_id_3 
_pdbx_validate_rmsd_angle.auth_asym_id_3 
_pdbx_validate_rmsd_angle.auth_comp_id_3 
_pdbx_validate_rmsd_angle.auth_seq_id_3 
_pdbx_validate_rmsd_angle.PDB_ins_code_3 
_pdbx_validate_rmsd_angle.label_alt_id_3 
_pdbx_validate_rmsd_angle.angle_value 
_pdbx_validate_rmsd_angle.angle_target_value 
_pdbx_validate_rmsd_angle.angle_deviation 
_pdbx_validate_rmsd_angle.angle_standard_deviation 
_pdbx_validate_rmsd_angle.linker_flag 
1  1 "C1'" A DC 1  ? ? "O4'" A DC 1  ? ? "C4'" A DC 1  ? ? 103.99 110.10 -6.11 1.00 N 
2  1 "C3'" A DC 1  ? ? "C2'" A DC 1  ? ? "C1'" A DC 1  ? ? 95.94  102.40 -6.46 0.80 N 
3  1 "O4'" A DC 1  ? ? "C1'" A DC 1  ? ? N1    A DC 1  ? ? 113.50 108.30 5.20  0.30 N 
4  1 "O4'" A DG 2  ? ? "C1'" A DG 2  ? ? N9    A DG 2  ? ? 111.12 108.30 2.82  0.30 N 
5  1 "O4'" A DA 3  ? ? "C1'" A DA 3  ? ? N9    A DA 3  ? ? 110.76 108.30 2.46  0.30 N 
6  1 "O4'" A DT 4  ? ? "C1'" A DT 4  ? ? N1    A DT 4  ? ? 111.71 108.30 3.41  0.30 N 
7  1 "O4'" A DA 5  ? ? "C1'" A DA 5  ? ? N9    A DA 5  ? ? 110.79 108.30 2.49  0.30 N 
8  1 "O4'" A DA 7  ? ? "C1'" A DA 7  ? ? "C2'" A DA 7  ? ? 100.74 105.90 -5.16 0.80 N 
9  1 "C1'" A DA 9  ? ? "O4'" A DA 9  ? ? "C4'" A DA 9  ? ? 102.01 110.10 -8.09 1.00 N 
10 1 "O4'" A DA 9  ? ? "C1'" A DA 9  ? ? N9    A DA 9  ? ? 111.12 108.30 2.82  0.30 N 
11 1 "C3'" A DT 10 ? ? "O3'" A DT 10 ? ? P     A DA 11 ? ? 128.16 119.70 8.46  1.20 Y 
12 1 "C3'" A DA 11 ? ? "C2'" A DA 11 ? ? "C1'" A DA 11 ? ? 96.67  102.40 -5.73 0.80 N 
13 1 "O4'" A DA 11 ? ? "C1'" A DA 11 ? ? N9    A DA 11 ? ? 115.22 108.30 6.92  0.30 N 
# 
loop_
_chem_comp_atom.comp_id 
_chem_comp_atom.atom_id 
_chem_comp_atom.type_symbol 
_chem_comp_atom.pdbx_aromatic_flag 
_chem_comp_atom.pdbx_stereo_config 
_chem_comp_atom.pdbx_ordinal 
DA OP3    O N N 1   
DA P      P N N 2   
DA OP1    O N N 3   
DA OP2    O N N 4   
DA "O5'"  O N N 5   
DA "C5'"  C N N 6   
DA "C4'"  C N R 7   
DA "O4'"  O N N 8   
DA "C3'"  C N S 9   
DA "O3'"  O N N 10  
DA "C2'"  C N N 11  
DA "C1'"  C N R 12  
DA N9     N Y N 13  
DA C8     C Y N 14  
DA N7     N Y N 15  
DA C5     C Y N 16  
DA C6     C Y N 17  
DA N6     N N N 18  
DA N1     N Y N 19  
DA C2     C Y N 20  
DA N3     N Y N 21  
DA C4     C Y N 22  
DA HOP3   H N N 23  
DA HOP2   H N N 24  
DA "H5'"  H N N 25  
DA "H5''" H N N 26  
DA "H4'"  H N N 27  
DA "H3'"  H N N 28  
DA "HO3'" H N N 29  
DA "H2'"  H N N 30  
DA "H2''" H N N 31  
DA "H1'"  H N N 32  
DA H8     H N N 33  
DA H61    H N N 34  
DA H62    H N N 35  
DA H2     H N N 36  
DC OP3    O N N 37  
DC P      P N N 38  
DC OP1    O N N 39  
DC OP2    O N N 40  
DC "O5'"  O N N 41  
DC "C5'"  C N N 42  
DC "C4'"  C N R 43  
DC "O4'"  O N N 44  
DC "C3'"  C N S 45  
DC "O3'"  O N N 46  
DC "C2'"  C N N 47  
DC "C1'"  C N R 48  
DC N1     N N N 49  
DC C2     C N N 50  
DC O2     O N N 51  
DC N3     N N N 52  
DC C4     C N N 53  
DC N4     N N N 54  
DC C5     C N N 55  
DC C6     C N N 56  
DC HOP3   H N N 57  
DC HOP2   H N N 58  
DC "H5'"  H N N 59  
DC "H5''" H N N 60  
DC "H4'"  H N N 61  
DC "H3'"  H N N 62  
DC "HO3'" H N N 63  
DC "H2'"  H N N 64  
DC "H2''" H N N 65  
DC "H1'"  H N N 66  
DC H41    H N N 67  
DC H42    H N N 68  
DC H5     H N N 69  
DC H6     H N N 70  
DG OP3    O N N 71  
DG P      P N N 72  
DG OP1    O N N 73  
DG OP2    O N N 74  
DG "O5'"  O N N 75  
DG "C5'"  C N N 76  
DG "C4'"  C N R 77  
DG "O4'"  O N N 78  
DG "C3'"  C N S 79  
DG "O3'"  O N N 80  
DG "C2'"  C N N 81  
DG "C1'"  C N R 82  
DG N9     N Y N 83  
DG C8     C Y N 84  
DG N7     N Y N 85  
DG C5     C Y N 86  
DG C6     C N N 87  
DG O6     O N N 88  
DG N1     N N N 89  
DG C2     C N N 90  
DG N2     N N N 91  
DG N3     N N N 92  
DG C4     C Y N 93  
DG HOP3   H N N 94  
DG HOP2   H N N 95  
DG "H5'"  H N N 96  
DG "H5''" H N N 97  
DG "H4'"  H N N 98  
DG "H3'"  H N N 99  
DG "HO3'" H N N 100 
DG "H2'"  H N N 101 
DG "H2''" H N N 102 
DG "H1'"  H N N 103 
DG H8     H N N 104 
DG H1     H N N 105 
DG H21    H N N 106 
DG H22    H N N 107 
DT OP3    O N N 108 
DT P      P N N 109 
DT OP1    O N N 110 
DT OP2    O N N 111 
DT "O5'"  O N N 112 
DT "C5'"  C N N 113 
DT "C4'"  C N R 114 
DT "O4'"  O N N 115 
DT "C3'"  C N S 116 
DT "O3'"  O N N 117 
DT "C2'"  C N N 118 
DT "C1'"  C N R 119 
DT N1     N N N 120 
DT C2     C N N 121 
DT O2     O N N 122 
DT N3     N N N 123 
DT C4     C N N 124 
DT O4     O N N 125 
DT C5     C N N 126 
DT C7     C N N 127 
DT C6     C N N 128 
DT HOP3   H N N 129 
DT HOP2   H N N 130 
DT "H5'"  H N N 131 
DT "H5''" H N N 132 
DT "H4'"  H N N 133 
DT "H3'"  H N N 134 
DT "HO3'" H N N 135 
DT "H2'"  H N N 136 
DT "H2''" H N N 137 
DT "H1'"  H N N 138 
DT H3     H N N 139 
DT H71    H N N 140 
DT H72    H N N 141 
DT H73    H N N 142 
DT H6     H N N 143 
# 
loop_
_chem_comp_bond.comp_id 
_chem_comp_bond.atom_id_1 
_chem_comp_bond.atom_id_2 
_chem_comp_bond.value_order 
_chem_comp_bond.pdbx_aromatic_flag 
_chem_comp_bond.pdbx_stereo_config 
_chem_comp_bond.pdbx_ordinal 
DA OP3   P      sing N N 1   
DA OP3   HOP3   sing N N 2   
DA P     OP1    doub N N 3   
DA P     OP2    sing N N 4   
DA P     "O5'"  sing N N 5   
DA OP2   HOP2   sing N N 6   
DA "O5'" "C5'"  sing N N 7   
DA "C5'" "C4'"  sing N N 8   
DA "C5'" "H5'"  sing N N 9   
DA "C5'" "H5''" sing N N 10  
DA "C4'" "O4'"  sing N N 11  
DA "C4'" "C3'"  sing N N 12  
DA "C4'" "H4'"  sing N N 13  
DA "O4'" "C1'"  sing N N 14  
DA "C3'" "O3'"  sing N N 15  
DA "C3'" "C2'"  sing N N 16  
DA "C3'" "H3'"  sing N N 17  
DA "O3'" "HO3'" sing N N 18  
DA "C2'" "C1'"  sing N N 19  
DA "C2'" "H2'"  sing N N 20  
DA "C2'" "H2''" sing N N 21  
DA "C1'" N9     sing N N 22  
DA "C1'" "H1'"  sing N N 23  
DA N9    C8     sing Y N 24  
DA N9    C4     sing Y N 25  
DA C8    N7     doub Y N 26  
DA C8    H8     sing N N 27  
DA N7    C5     sing Y N 28  
DA C5    C6     sing Y N 29  
DA C5    C4     doub Y N 30  
DA C6    N6     sing N N 31  
DA C6    N1     doub Y N 32  
DA N6    H61    sing N N 33  
DA N6    H62    sing N N 34  
DA N1    C2     sing Y N 35  
DA C2    N3     doub Y N 36  
DA C2    H2     sing N N 37  
DA N3    C4     sing Y N 38  
DC OP3   P      sing N N 39  
DC OP3   HOP3   sing N N 40  
DC P     OP1    doub N N 41  
DC P     OP2    sing N N 42  
DC P     "O5'"  sing N N 43  
DC OP2   HOP2   sing N N 44  
DC "O5'" "C5'"  sing N N 45  
DC "C5'" "C4'"  sing N N 46  
DC "C5'" "H5'"  sing N N 47  
DC "C5'" "H5''" sing N N 48  
DC "C4'" "O4'"  sing N N 49  
DC "C4'" "C3'"  sing N N 50  
DC "C4'" "H4'"  sing N N 51  
DC "O4'" "C1'"  sing N N 52  
DC "C3'" "O3'"  sing N N 53  
DC "C3'" "C2'"  sing N N 54  
DC "C3'" "H3'"  sing N N 55  
DC "O3'" "HO3'" sing N N 56  
DC "C2'" "C1'"  sing N N 57  
DC "C2'" "H2'"  sing N N 58  
DC "C2'" "H2''" sing N N 59  
DC "C1'" N1     sing N N 60  
DC "C1'" "H1'"  sing N N 61  
DC N1    C2     sing N N 62  
DC N1    C6     sing N N 63  
DC C2    O2     doub N N 64  
DC C2    N3     sing N N 65  
DC N3    C4     doub N N 66  
DC C4    N4     sing N N 67  
DC C4    C5     sing N N 68  
DC N4    H41    sing N N 69  
DC N4    H42    sing N N 70  
DC C5    C6     doub N N 71  
DC C5    H5     sing N N 72  
DC C6    H6     sing N N 73  
DG OP3   P      sing N N 74  
DG OP3   HOP3   sing N N 75  
DG P     OP1    doub N N 76  
DG P     OP2    sing N N 77  
DG P     "O5'"  sing N N 78  
DG OP2   HOP2   sing N N 79  
DG "O5'" "C5'"  sing N N 80  
DG "C5'" "C4'"  sing N N 81  
DG "C5'" "H5'"  sing N N 82  
DG "C5'" "H5''" sing N N 83  
DG "C4'" "O4'"  sing N N 84  
DG "C4'" "C3'"  sing N N 85  
DG "C4'" "H4'"  sing N N 86  
DG "O4'" "C1'"  sing N N 87  
DG "C3'" "O3'"  sing N N 88  
DG "C3'" "C2'"  sing N N 89  
DG "C3'" "H3'"  sing N N 90  
DG "O3'" "HO3'" sing N N 91  
DG "C2'" "C1'"  sing N N 92  
DG "C2'" "H2'"  sing N N 93  
DG "C2'" "H2''" sing N N 94  
DG "C1'" N9     sing N N 95  
DG "C1'" "H1'"  sing N N 96  
DG N9    C8     sing Y N 97  
DG N9    C4     sing Y N 98  
DG C8    N7     doub Y N 99  
DG C8    H8     sing N N 100 
DG N7    C5     sing Y N 101 
DG C5    C6     sing N N 102 
DG C5    C4     doub Y N 103 
DG C6    O6     doub N N 104 
DG C6    N1     sing N N 105 
DG N1    C2     sing N N 106 
DG N1    H1     sing N N 107 
DG C2    N2     sing N N 108 
DG C2    N3     doub N N 109 
DG N2    H21    sing N N 110 
DG N2    H22    sing N N 111 
DG N3    C4     sing N N 112 
DT OP3   P      sing N N 113 
DT OP3   HOP3   sing N N 114 
DT P     OP1    doub N N 115 
DT P     OP2    sing N N 116 
DT P     "O5'"  sing N N 117 
DT OP2   HOP2   sing N N 118 
DT "O5'" "C5'"  sing N N 119 
DT "C5'" "C4'"  sing N N 120 
DT "C5'" "H5'"  sing N N 121 
DT "C5'" "H5''" sing N N 122 
DT "C4'" "O4'"  sing N N 123 
DT "C4'" "C3'"  sing N N 124 
DT "C4'" "H4'"  sing N N 125 
DT "O4'" "C1'"  sing N N 126 
DT "C3'" "O3'"  sing N N 127 
DT "C3'" "C2'"  sing N N 128 
DT "C3'" "H3'"  sing N N 129 
DT "O3'" "HO3'" sing N N 130 
DT "C2'" "C1'"  sing N N 131 
DT "C2'" "H2'"  sing N N 132 
DT "C2'" "H2''" sing N N 133 
DT "C1'" N1     sing N N 134 
DT "C1'" "H1'"  sing N N 135 
DT N1    C2     sing N N 136 
DT N1    C6     sing N N 137 
DT C2    O2     doub N N 138 
DT C2    N3     sing N N 139 
DT N3    C4     sing N N 140 
DT N3    H3     sing N N 141 
DT C4    O4     doub N N 142 
DT C4    C5     sing N N 143 
DT C5    C7     sing N N 144 
DT C5    C6     doub N N 145 
DT C7    H71    sing N N 146 
DT C7    H72    sing N N 147 
DT C7    H73    sing N N 148 
DT C6    H6     sing N N 149 
# 
_ndb_struct_conf_na.entry_id   2AF1 
_ndb_struct_conf_na.feature    'double helix' 
# 
loop_
_ndb_struct_na_base_pair.model_number 
_ndb_struct_na_base_pair.i_label_asym_id 
_ndb_struct_na_base_pair.i_label_comp_id 
_ndb_struct_na_base_pair.i_label_seq_id 
_ndb_struct_na_base_pair.i_symmetry 
_ndb_struct_na_base_pair.j_label_asym_id 
_ndb_struct_na_base_pair.j_label_comp_id 
_ndb_struct_na_base_pair.j_label_seq_id 
_ndb_struct_na_base_pair.j_symmetry 
_ndb_struct_na_base_pair.shear 
_ndb_struct_na_base_pair.stretch 
_ndb_struct_na_base_pair.stagger 
_ndb_struct_na_base_pair.buckle 
_ndb_struct_na_base_pair.propeller 
_ndb_struct_na_base_pair.opening 
_ndb_struct_na_base_pair.pair_number 
_ndb_struct_na_base_pair.pair_name 
_ndb_struct_na_base_pair.i_auth_asym_id 
_ndb_struct_na_base_pair.i_auth_seq_id 
_ndb_struct_na_base_pair.i_PDB_ins_code 
_ndb_struct_na_base_pair.j_auth_asym_id 
_ndb_struct_na_base_pair.j_auth_seq_id 
_ndb_struct_na_base_pair.j_PDB_ins_code 
_ndb_struct_na_base_pair.hbond_type_28 
_ndb_struct_na_base_pair.hbond_type_12 
1 A DA 3  1_555 A DT 12 12_555 0.188  -3.044 0.905  -20.004 12.296  70.816  1  A_DA3:DT12_A A 3  ? A 12 ? 23 3 
1 A DT 4  1_555 A DA 11 12_555 -0.096 2.880  0.833  -0.817  -3.513  -73.240 2  A_DT4:DA11_A A 4  ? A 11 ? 23 3 
1 A DA 5  1_555 A DT 10 12_555 0.103  -3.447 0.827  -11.707 4.863   65.166  3  A_DA5:DT10_A A 5  ? A 10 ? 23 3 
1 A DT 6  1_555 A DA 9  12_555 -0.266 2.939  0.304  -12.530 -0.183  -66.018 4  A_DT6:DA9_A  A 6  ? A 9  ? 23 3 
1 A DA 7  1_555 A DT 8  12_555 -0.566 -2.227 0.297  -15.918 5.878   66.740  5  A_DA7:DT8_A  A 7  ? A 8  ? 23 3 
1 A DT 8  1_555 A DA 7  12_555 0.566  2.227  -0.297 15.918  -5.878  -66.740 6  A_DT8:DA7_A  A 8  ? A 7  ? 23 3 
1 A DA 9  1_555 A DT 6  12_555 0.266  -2.939 -0.304 12.530  0.183   66.018  7  A_DA9:DT6_A  A 9  ? A 6  ? 23 3 
1 A DT 10 1_555 A DA 5  12_555 -0.103 3.447  -0.827 11.707  -4.863  -65.166 8  A_DT10:DA5_A A 10 ? A 5  ? 23 3 
1 A DA 11 1_555 A DT 4  12_555 0.096  -2.880 -0.833 0.817   3.513   73.240  9  A_DA11:DT4_A A 11 ? A 4  ? 23 3 
1 A DT 12 1_555 A DA 3  12_555 -0.188 3.044  -0.905 20.004  -12.296 -70.816 10 A_DT12:DA3_A A 12 ? A 3  ? 23 3 
# 
loop_
_ndb_struct_na_base_pair_step.model_number 
_ndb_struct_na_base_pair_step.i_label_asym_id_1 
_ndb_struct_na_base_pair_step.i_label_comp_id_1 
_ndb_struct_na_base_pair_step.i_label_seq_id_1 
_ndb_struct_na_base_pair_step.i_symmetry_1 
_ndb_struct_na_base_pair_step.j_label_asym_id_1 
_ndb_struct_na_base_pair_step.j_label_comp_id_1 
_ndb_struct_na_base_pair_step.j_label_seq_id_1 
_ndb_struct_na_base_pair_step.j_symmetry_1 
_ndb_struct_na_base_pair_step.i_label_asym_id_2 
_ndb_struct_na_base_pair_step.i_label_comp_id_2 
_ndb_struct_na_base_pair_step.i_label_seq_id_2 
_ndb_struct_na_base_pair_step.i_symmetry_2 
_ndb_struct_na_base_pair_step.j_label_asym_id_2 
_ndb_struct_na_base_pair_step.j_label_comp_id_2 
_ndb_struct_na_base_pair_step.j_label_seq_id_2 
_ndb_struct_na_base_pair_step.j_symmetry_2 
_ndb_struct_na_base_pair_step.shift 
_ndb_struct_na_base_pair_step.slide 
_ndb_struct_na_base_pair_step.rise 
_ndb_struct_na_base_pair_step.tilt 
_ndb_struct_na_base_pair_step.roll 
_ndb_struct_na_base_pair_step.twist 
_ndb_struct_na_base_pair_step.x_displacement 
_ndb_struct_na_base_pair_step.y_displacement 
_ndb_struct_na_base_pair_step.helical_rise 
_ndb_struct_na_base_pair_step.inclination 
_ndb_struct_na_base_pair_step.tip 
_ndb_struct_na_base_pair_step.helical_twist 
_ndb_struct_na_base_pair_step.step_number 
_ndb_struct_na_base_pair_step.step_name 
_ndb_struct_na_base_pair_step.i_auth_asym_id_1 
_ndb_struct_na_base_pair_step.i_auth_seq_id_1 
_ndb_struct_na_base_pair_step.i_PDB_ins_code_1 
_ndb_struct_na_base_pair_step.j_auth_asym_id_1 
_ndb_struct_na_base_pair_step.j_auth_seq_id_1 
_ndb_struct_na_base_pair_step.j_PDB_ins_code_1 
_ndb_struct_na_base_pair_step.i_auth_asym_id_2 
_ndb_struct_na_base_pair_step.i_auth_seq_id_2 
_ndb_struct_na_base_pair_step.i_PDB_ins_code_2 
_ndb_struct_na_base_pair_step.j_auth_asym_id_2 
_ndb_struct_na_base_pair_step.j_auth_seq_id_2 
_ndb_struct_na_base_pair_step.j_PDB_ins_code_2 
1 A DA 3  1_555 A DT 12 12_555 A DT 4  1_555 A DA 11 12_555 -2.086 -2.178 -2.935 81.474   -145.259 52.102   -2.034 0.522  -0.507 
-75.910 -42.577 167.920  1 AA_DA3DT4:DA11DT12_AA A 3  ? A 12 ? A 4  ? A 11 ? 
1 A DT 4  1_555 A DA 11 12_555 A DA 5  1_555 A DT 10 12_555 -1.203 -3.529 3.010  -154.631 78.831   16.883   -2.342 -0.524 -0.083 
40.662  79.761  173.635  2 AA_DT4DA5:DT10DA11_AA A 4  ? A 11 ? A 5  ? A 10 ? 
1 A DA 5  1_555 A DT 10 12_555 A DT 6  1_555 A DA 9  12_555 -1.372 -3.771 -0.119 82.897   -148.474 161.549  -1.879 0.690  0.301  
-74.293 -41.480 178.407  3 AA_DA5DT6:DA9DT10_AA  A 5  ? A 10 ? A 6  ? A 9  ? 
1 A DT 6  1_555 A DA 9  12_555 A DA 7  1_555 A DT 8  12_555 0.340  3.861  -3.019 151.798  -82.678  -56.879  -2.375 -0.641 -0.079 
42.233  77.541  -173.716 4 AA_DT6DA7:DT8DA9_AA   A 6  ? A 9  ? A 7  ? A 8  ? 
1 A DA 7  1_555 A DT 8  12_555 A DT 8  1_555 A DA 7  12_555 -2.382 -2.864 0.000  69.385   -165.180 180.000  -1.432 1.191  0.000  
-82.590 -34.693 180.000  5 AA_DA7DT8:DA7DT8_AA   A 7  ? A 8  ? A 8  ? A 7  ? 
1 A DT 8  1_555 A DA 7  12_555 A DA 9  1_555 A DT 6  12_555 -0.340 -3.861 3.019  -151.798 82.678   56.879   -2.375 -0.641 0.079  
42.233  77.541  173.716  6 AA_DT8DA9:DT6DA7_AA   A 8  ? A 7  ? A 9  ? A 6  ? 
1 A DA 9  1_555 A DT 6  12_555 A DT 10 1_555 A DA 5  12_555 1.372  3.771  0.119  -82.897  148.474  -161.550 -1.879 0.690  -0.301 
-74.293 -41.480 -178.407 7 AA_DA9DT10:DA5DT6_AA  A 9  ? A 6  ? A 10 ? A 5  ? 
1 A DT 10 1_555 A DA 5  12_555 A DA 11 1_555 A DT 4  12_555 1.203  3.529  -3.010 154.631  -78.831  -16.883  -2.342 -0.524 0.083  
40.662  79.761  -173.636 8 AA_DT10DA11:DT4DA5_AA A 10 ? A 5  ? A 11 ? A 4  ? 
1 A DA 11 1_555 A DT 4  12_555 A DT 12 1_555 A DA 3  12_555 2.086  2.178  2.935  -81.474  145.259  -52.102  -2.034 0.522  0.507  
-75.910 -42.577 -167.920 9 AA_DA11DT12:DA3DT4_AA A 11 ? A 4  ? A 12 ? A 3  ? 
# 
_pdbx_initial_refinement_model.id               1 
_pdbx_initial_refinement_model.entity_id_list   ? 
_pdbx_initial_refinement_model.type             'experimental model' 
_pdbx_initial_refinement_model.source_name      PDB 
_pdbx_initial_refinement_model.accession_code   1GQU 
_pdbx_initial_refinement_model.details          'pdb entry 1GQU' 
# 
